data_4MFA
#
_entry.id   4MFA
#
_cell.length_a   54.971
_cell.length_b   79.662
_cell.length_c   55.001
_cell.angle_alpha   90.000
_cell.angle_beta   106.680
_cell.angle_gamma   90.000
#
_symmetry.space_group_name_H-M   'P 1 21 1'
#
loop_
_entity.id
_entity.type
_entity.pdbx_description
1 polymer 'DNA polymerase beta'
2 polymer template
3 polymer 'up primer'
4 polymer 'dn primer'
5 non-polymer 'SODIUM ION'
6 non-polymer 'MAGNESIUM ION'
7 non-polymer 'PHOSPHATE ION'
8 water water
#
loop_
_entity_poly.entity_id
_entity_poly.type
_entity_poly.pdbx_seq_one_letter_code
_entity_poly.pdbx_strand_id
1 'polypeptide(L)'
;LNGGITDMLTELANFEKNVSQAIHKYNAYRKAASVIAKYPHKIKSGAEAKKLPGVGTKIAEKIDEFLATGKLRKLEKIRQ
DDTSSSINFLTRVSGIGPSAARKFVDEGIKTLEDLRKNEDKLNHHQRIGLKYFGDFEKRIPREEMLQMQDIVLNEVKKVD
SEYIATVCGSFRRGAESSGDMDVLLTHPSFTSESTKQPKLLHQVVEQLQKVHFITDTLSKGETKFMGVCQLPSKNDEKEY
PHRRIDIRLIPKDQYYCGVLYFTGSDIFNKNMRAHALEKGFTINEYTIRPLGVTGVAGEPLPVDSEKDIFDYIQWKYREP
KDRSE
;
A
2 'polydeoxyribonucleotide' (DC)(DC)(DG)(DA)(DC)(6OG)(DT)(DC)(DG)(DC)(DA)(DT)(DC)(DA)(DG)(DC) T
3 'polydeoxyribonucleotide' (DG)(DC)(DT)(DG)(DA)(DT)(DG)(DC)(DG)(DA)(DT) P
4 'polydeoxyribonucleotide' (DG)(DT)(DC)(DG)(DG) D
#
loop_
_chem_comp.id
_chem_comp.type
_chem_comp.name
_chem_comp.formula
6OG DNA linking '6-O-METHYL GUANOSINE-5'-MONOPHOSPHATE' 'C11 H16 N5 O7 P'
DA DNA linking 2'-DEOXYADENOSINE-5'-MONOPHOSPHATE 'C10 H14 N5 O6 P'
DC DNA linking 2'-DEOXYCYTIDINE-5'-MONOPHOSPHATE 'C9 H14 N3 O7 P'
DG DNA linking 2'-DEOXYGUANOSINE-5'-MONOPHOSPHATE 'C10 H14 N5 O7 P'
DT DNA linking THYMIDINE-5'-MONOPHOSPHATE 'C10 H15 N2 O8 P'
MG non-polymer 'MAGNESIUM ION' 'Mg 2'
NA non-polymer 'SODIUM ION' 'Na 1'
PO4 non-polymer 'PHOSPHATE ION' 'O4 P -3'
#
# COMPACT_ATOMS: atom_id res chain seq x y z
N LEU A 1 9.70 6.40 23.19
CA LEU A 1 9.17 5.38 24.17
C LEU A 1 9.82 4.04 23.89
N ASN A 2 9.47 3.45 22.74
CA ASN A 2 9.94 2.13 22.37
C ASN A 2 10.46 2.00 20.97
N GLY A 3 11.05 3.07 20.42
CA GLY A 3 11.52 3.08 19.05
C GLY A 3 12.62 2.08 18.69
N GLY A 4 13.50 1.77 19.63
CA GLY A 4 14.60 0.82 19.35
C GLY A 4 14.01 -0.58 19.27
N ILE A 5 12.93 -0.83 20.01
CA ILE A 5 12.22 -2.11 20.00
C ILE A 5 11.43 -2.25 18.67
N THR A 6 10.63 -1.24 18.31
CA THR A 6 9.85 -1.33 17.05
C THR A 6 10.74 -1.31 15.80
N ASP A 7 11.82 -0.53 15.78
CA ASP A 7 12.83 -0.62 14.71
C ASP A 7 13.47 -1.99 14.66
N MET A 8 13.81 -2.56 15.80
CA MET A 8 14.40 -3.91 15.76
C MET A 8 13.39 -4.93 15.13
N LEU A 9 12.14 -4.90 15.58
CA LEU A 9 11.11 -5.82 15.12
C LEU A 9 10.87 -5.68 13.61
N THR A 10 10.97 -4.44 13.11
CA THR A 10 10.73 -4.14 11.69
C THR A 10 11.91 -4.60 10.92
N GLU A 11 13.10 -4.44 11.49
CA GLU A 11 14.26 -4.95 10.78
C GLU A 11 14.18 -6.46 10.75
N LEU A 12 13.75 -7.06 11.84
CA LEU A 12 13.55 -8.52 11.81
C LEU A 12 12.48 -8.89 10.77
N ALA A 13 11.43 -8.08 10.68
CA ALA A 13 10.31 -8.34 9.73
C ALA A 13 10.83 -8.40 8.30
N ASN A 14 11.64 -7.43 7.89
CA ASN A 14 12.18 -7.44 6.51
C ASN A 14 13.01 -8.64 6.14
N PHE A 15 13.92 -9.03 7.02
CA PHE A 15 14.69 -10.28 6.79
C PHE A 15 13.83 -11.54 6.62
N GLU A 16 12.80 -11.70 7.44
CA GLU A 16 11.90 -12.85 7.29
C GLU A 16 11.34 -12.85 5.84
N LYS A 17 10.76 -11.70 5.48
CA LYS A 17 10.06 -11.60 4.19
C LYS A 17 11.09 -11.72 3.08
N ASN A 18 12.15 -10.90 3.12
CA ASN A 18 13.05 -10.72 1.96
C ASN A 18 14.15 -11.81 1.83
N VAL A 19 14.57 -12.37 2.99
CA VAL A 19 15.71 -13.29 3.00
C VAL A 19 15.23 -14.72 3.26
N SER A 20 14.60 -14.94 4.42
CA SER A 20 14.03 -16.24 4.74
C SER A 20 12.78 -16.60 3.92
N GLN A 21 12.16 -15.63 3.23
CA GLN A 21 10.90 -15.94 2.47
C GLN A 21 9.86 -16.63 3.34
N ALA A 22 9.56 -15.97 4.46
CA ALA A 22 8.63 -16.45 5.45
C ALA A 22 7.60 -15.38 5.75
N ILE A 23 6.67 -15.17 4.80
CA ILE A 23 5.75 -14.03 4.78
C ILE A 23 4.99 -13.94 6.09
N HIS A 24 4.64 -15.11 6.64
CA HIS A 24 3.89 -15.14 7.91
C HIS A 24 4.67 -14.68 9.10
N LYS A 25 5.97 -14.99 9.19
CA LYS A 25 6.80 -14.38 10.19
C LYS A 25 6.98 -12.88 9.96
N TYR A 26 7.06 -12.44 8.72
CA TYR A 26 7.19 -11.02 8.45
C TYR A 26 5.95 -10.33 9.00
N ASN A 27 4.76 -10.82 8.66
CA ASN A 27 3.54 -10.25 9.27
C ASN A 27 3.44 -10.28 10.83
N ALA A 28 3.87 -11.40 11.43
CA ALA A 28 4.01 -11.54 12.92
C ALA A 28 4.85 -10.44 13.52
N TYR A 29 6.04 -10.22 12.99
CA TYR A 29 6.88 -9.11 13.51
C TYR A 29 6.26 -7.72 13.34
N ARG A 30 5.62 -7.47 12.19
CA ARG A 30 4.94 -6.18 11.97
C ARG A 30 3.76 -5.96 12.88
N LYS A 31 2.97 -7.02 13.11
CA LYS A 31 1.89 -6.94 14.07
C LYS A 31 2.42 -6.61 15.45
N ALA A 32 3.55 -7.18 15.85
CA ALA A 32 4.15 -6.86 17.16
C ALA A 32 4.68 -5.46 17.22
N ALA A 33 5.42 -5.05 16.18
CA ALA A 33 5.89 -3.68 16.03
C ALA A 33 4.70 -2.69 16.09
N SER A 34 3.56 -3.03 15.52
CA SER A 34 2.38 -2.14 15.58
C SER A 34 1.81 -1.94 16.96
N VAL A 35 1.46 -3.04 17.61
CA VAL A 35 0.89 -3.00 18.94
C VAL A 35 1.86 -2.30 19.92
N ILE A 36 3.17 -2.47 19.76
CA ILE A 36 4.14 -1.78 20.61
C ILE A 36 4.27 -0.26 20.32
N ALA A 37 4.23 0.12 19.05
CA ALA A 37 4.26 1.53 18.66
C ALA A 37 3.07 2.32 19.21
N LYS A 38 1.91 1.70 19.32
CA LYS A 38 0.73 2.37 19.87
C LYS A 38 0.62 2.20 21.39
N TYR A 39 1.69 1.82 22.06
CA TYR A 39 1.57 1.56 23.50
C TYR A 39 2.23 2.70 24.27
N PRO A 40 1.47 3.33 25.21
CA PRO A 40 1.85 4.66 25.68
C PRO A 40 2.69 4.62 26.97
N HIS A 41 3.74 3.81 26.98
CA HIS A 41 4.62 3.59 28.13
C HIS A 41 5.89 2.98 27.67
N LYS A 42 7.00 3.48 28.19
CA LYS A 42 8.30 2.86 27.95
C LYS A 42 8.32 1.43 28.52
N ILE A 43 8.45 0.45 27.64
CA ILE A 43 8.49 -0.96 28.03
C ILE A 43 9.74 -1.23 28.82
N LYS A 44 9.55 -1.91 29.97
CA LYS A 44 10.62 -2.22 30.92
C LYS A 44 11.06 -3.71 30.91
N SER A 45 10.20 -4.61 30.42
CA SER A 45 10.62 -6.01 30.31
C SER A 45 9.86 -6.69 29.18
N GLY A 46 10.34 -7.86 28.75
CA GLY A 46 9.65 -8.65 27.76
C GLY A 46 8.31 -9.14 28.29
N ALA A 47 8.28 -9.48 29.57
CA ALA A 47 7.04 -9.97 30.15
C ALA A 47 5.98 -8.89 30.04
N GLU A 48 6.38 -7.63 30.23
CA GLU A 48 5.43 -6.54 30.07
C GLU A 48 4.88 -6.49 28.64
N ALA A 49 5.78 -6.60 27.67
CA ALA A 49 5.35 -6.69 26.27
C ALA A 49 4.45 -7.91 26.01
N LYS A 50 4.77 -9.06 26.65
CA LYS A 50 4.13 -10.31 26.28
C LYS A 50 2.61 -10.23 26.39
N LYS A 51 2.15 -9.22 27.11
CA LYS A 51 0.74 -9.02 27.39
C LYS A 51 0.00 -8.51 26.17
N LEU A 52 0.72 -7.88 25.24
CA LEU A 52 0.03 -7.23 24.10
C LEU A 52 -0.36 -8.32 23.16
N PRO A 53 -1.47 -8.13 22.41
CA PRO A 53 -1.73 -9.24 21.48
C PRO A 53 -0.75 -9.19 20.30
N GLY A 54 -0.07 -10.31 20.03
CA GLY A 54 0.88 -10.39 18.91
C GLY A 54 2.32 -10.48 19.40
N VAL A 55 2.57 -10.18 20.69
CA VAL A 55 3.86 -10.38 21.30
C VAL A 55 3.81 -11.74 22.01
N GLY A 56 4.69 -12.65 21.61
CA GLY A 56 4.72 -13.99 22.16
C GLY A 56 5.99 -14.20 22.91
N THR A 57 6.31 -15.45 23.21
CA THR A 57 7.54 -15.80 23.94
C THR A 57 8.83 -15.36 23.26
N LYS A 58 8.95 -15.54 21.96
CA LYS A 58 10.25 -15.29 21.31
C LYS A 58 10.50 -13.81 21.21
N ILE A 59 9.44 -13.04 21.04
CA ILE A 59 9.60 -11.62 20.99
C ILE A 59 9.82 -11.05 22.40
N ALA A 60 9.06 -11.53 23.40
CA ALA A 60 9.37 -11.25 24.83
C ALA A 60 10.84 -11.40 25.17
N GLU A 61 11.43 -12.56 24.81
CA GLU A 61 12.88 -12.79 25.02
C GLU A 61 13.80 -11.86 24.28
N LYS A 62 13.42 -11.50 23.05
CA LYS A 62 14.26 -10.60 22.26
C LYS A 62 14.25 -9.20 22.90
N ILE A 63 13.09 -8.77 23.41
CA ILE A 63 12.96 -7.45 24.04
C ILE A 63 13.88 -7.42 25.27
N ASP A 64 13.74 -8.42 26.11
CA ASP A 64 14.74 -8.70 27.19
C ASP A 64 16.19 -8.58 26.81
N GLU A 65 16.61 -9.23 25.74
CA GLU A 65 18.00 -9.05 25.27
C GLU A 65 18.29 -7.61 24.85
N PHE A 66 17.41 -7.01 24.03
CA PHE A 66 17.62 -5.63 23.57
C PHE A 66 17.72 -4.66 24.77
N LEU A 67 16.91 -4.93 25.81
CA LEU A 67 16.89 -4.08 26.98
C LEU A 67 18.17 -4.19 27.84
N ALA A 68 18.75 -5.39 27.96
CA ALA A 68 19.97 -5.61 28.75
C ALA A 68 21.23 -5.20 28.02
N THR A 69 21.24 -5.31 26.69
CA THR A 69 22.47 -5.09 25.97
C THR A 69 22.40 -3.98 24.94
N GLY A 70 21.20 -3.41 24.72
CA GLY A 70 20.99 -2.47 23.59
C GLY A 70 21.13 -3.02 22.15
N LYS A 71 21.25 -4.33 21.99
CA LYS A 71 21.25 -4.90 20.63
C LYS A 71 20.65 -6.29 20.64
N LEU A 72 20.53 -6.91 19.46
CA LEU A 72 20.25 -8.34 19.32
C LEU A 72 21.38 -9.05 18.59
N ARG A 73 22.00 -10.05 19.23
CA ARG A 73 23.10 -10.83 18.58
C ARG A 73 22.75 -11.31 17.18
N LYS A 74 21.53 -11.83 17.02
CA LYS A 74 21.07 -12.36 15.73
C LYS A 74 20.97 -11.28 14.68
N LEU A 75 20.47 -10.13 15.09
CA LEU A 75 20.28 -9.04 14.13
C LEU A 75 21.66 -8.45 13.73
N GLU A 76 22.54 -8.26 14.71
CA GLU A 76 23.89 -7.76 14.44
C GLU A 76 24.59 -8.63 13.42
N LYS A 77 24.50 -9.93 13.63
CA LYS A 77 25.07 -10.90 12.70
C LYS A 77 24.47 -10.82 11.32
N ILE A 78 23.15 -10.91 11.20
CA ILE A 78 22.54 -10.83 9.87
C ILE A 78 22.90 -9.51 9.15
N ARG A 79 23.01 -8.44 9.91
CA ARG A 79 23.33 -7.15 9.31
C ARG A 79 24.66 -7.13 8.66
N GLN A 80 25.60 -7.87 9.25
CA GLN A 80 26.98 -7.89 8.74
C GLN A 80 27.13 -8.96 7.66
N ASP A 81 26.08 -9.71 7.36
CA ASP A 81 26.17 -10.79 6.38
C ASP A 81 26.01 -10.28 4.95
N ASP A 82 26.98 -10.58 4.09
CA ASP A 82 27.01 -9.97 2.74
C ASP A 82 25.86 -10.38 1.86
N THR A 83 25.62 -11.67 1.84
CA THR A 83 24.57 -12.20 1.05
C THR A 83 23.22 -11.66 1.54
N SER A 84 22.95 -11.78 2.83
CA SER A 84 21.64 -11.50 3.31
C SER A 84 21.33 -10.01 3.30
N SER A 85 22.30 -9.16 3.61
CA SER A 85 22.02 -7.76 3.64
C SER A 85 21.80 -7.26 2.20
N SER A 86 22.47 -7.88 1.23
CA SER A 86 22.29 -7.45 -0.14
C SER A 86 20.92 -7.89 -0.67
N ILE A 87 20.51 -9.09 -0.27
CA ILE A 87 19.26 -9.62 -0.73
C ILE A 87 18.16 -8.70 -0.23
N ASN A 88 18.21 -8.44 1.08
CA ASN A 88 17.29 -7.54 1.73
C ASN A 88 17.27 -6.13 1.08
N PHE A 89 18.43 -5.55 0.86
CA PHE A 89 18.55 -4.24 0.21
C PHE A 89 17.98 -4.17 -1.21
N LEU A 90 18.32 -5.14 -2.06
CA LEU A 90 17.87 -5.08 -3.46
C LEU A 90 16.35 -5.05 -3.55
N THR A 91 15.66 -5.70 -2.60
CA THR A 91 14.20 -5.73 -2.61
C THR A 91 13.57 -4.35 -2.46
N ARG A 92 14.38 -3.33 -2.13
CA ARG A 92 13.87 -1.96 -2.08
C ARG A 92 13.57 -1.44 -3.49
N VAL A 93 14.05 -2.12 -4.51
CA VAL A 93 13.73 -1.75 -5.87
C VAL A 93 12.41 -2.35 -6.27
N SER A 94 11.48 -1.45 -6.64
CA SER A 94 10.15 -1.85 -7.06
C SER A 94 10.21 -2.75 -8.24
N GLY A 95 9.52 -3.86 -8.10
CA GLY A 95 9.61 -4.95 -9.05
C GLY A 95 10.61 -6.06 -8.65
N ILE A 96 11.48 -5.83 -7.68
CA ILE A 96 12.45 -6.88 -7.27
C ILE A 96 11.95 -7.31 -5.95
N GLY A 97 11.43 -8.54 -5.92
CA GLY A 97 10.89 -9.12 -4.69
C GLY A 97 11.98 -10.01 -4.07
N PRO A 98 11.63 -10.82 -3.06
CA PRO A 98 12.64 -11.73 -2.41
C PRO A 98 13.26 -12.69 -3.44
N SER A 99 12.49 -13.12 -4.43
CA SER A 99 13.00 -14.15 -5.27
C SER A 99 13.94 -13.63 -6.34
N ALA A 100 13.62 -12.48 -6.95
CA ALA A 100 14.58 -11.84 -7.91
C ALA A 100 15.78 -11.33 -7.11
N ALA A 101 15.58 -10.82 -5.88
CA ALA A 101 16.73 -10.35 -5.18
C ALA A 101 17.73 -11.52 -4.90
N ARG A 102 17.20 -12.69 -4.53
CA ARG A 102 18.06 -13.81 -4.31
C ARG A 102 18.82 -14.25 -5.57
N LYS A 103 18.16 -14.30 -6.73
CA LYS A 103 18.83 -14.72 -7.95
C LYS A 103 19.97 -13.76 -8.28
N PHE A 104 19.73 -12.44 -8.17
CA PHE A 104 20.73 -11.43 -8.48
C PHE A 104 21.92 -11.66 -7.58
N VAL A 105 21.66 -11.73 -6.28
CA VAL A 105 22.76 -11.85 -5.35
C VAL A 105 23.58 -13.13 -5.55
N ASP A 106 22.92 -14.23 -5.97
CA ASP A 106 23.56 -15.53 -6.24
C ASP A 106 24.58 -15.35 -7.37
N GLU A 107 24.32 -14.41 -8.27
CA GLU A 107 25.18 -14.33 -9.41
C GLU A 107 26.09 -13.13 -9.28
N GLY A 108 26.22 -12.61 -8.05
CA GLY A 108 27.13 -11.51 -7.76
C GLY A 108 26.55 -10.12 -8.00
N ILE A 109 25.24 -10.00 -8.25
CA ILE A 109 24.64 -8.66 -8.51
C ILE A 109 24.05 -8.17 -7.19
N LYS A 110 24.76 -7.27 -6.51
CA LYS A 110 24.49 -6.90 -5.12
C LYS A 110 24.04 -5.46 -4.86
N THR A 111 24.43 -4.53 -5.71
CA THR A 111 24.18 -3.13 -5.43
C THR A 111 23.33 -2.51 -6.56
N LEU A 112 22.92 -1.24 -6.41
CA LEU A 112 22.21 -0.54 -7.51
C LEU A 112 23.15 -0.40 -8.70
N GLU A 113 24.41 -0.16 -8.41
CA GLU A 113 25.47 -0.20 -9.43
C GLU A 113 25.49 -1.47 -10.23
N ASP A 114 25.53 -2.61 -9.55
CA ASP A 114 25.59 -3.87 -10.29
C ASP A 114 24.33 -3.94 -11.15
N LEU A 115 23.21 -3.43 -10.61
CA LEU A 115 21.96 -3.41 -11.40
C LEU A 115 22.10 -2.49 -12.61
N ARG A 116 22.76 -1.34 -12.44
CA ARG A 116 23.02 -0.44 -13.59
C ARG A 116 23.77 -1.08 -14.72
N LYS A 117 24.78 -1.90 -14.39
CA LYS A 117 25.58 -2.60 -15.42
C LYS A 117 24.82 -3.76 -16.07
N ASN A 118 23.66 -4.13 -15.56
CA ASN A 118 23.06 -5.41 -15.97
C ASN A 118 21.59 -5.31 -16.42
N GLU A 119 21.30 -4.20 -17.06
CA GLU A 119 19.95 -3.92 -17.49
C GLU A 119 19.33 -5.12 -18.27
N ASP A 120 20.12 -5.84 -19.07
CA ASP A 120 19.54 -6.90 -19.90
C ASP A 120 18.97 -8.04 -19.02
N LYS A 121 19.33 -8.05 -17.75
CA LYS A 121 18.88 -9.09 -16.86
C LYS A 121 17.61 -8.64 -16.13
N LEU A 122 17.15 -7.41 -16.42
CA LEU A 122 16.04 -6.83 -15.73
C LEU A 122 14.82 -6.71 -16.61
N ASN A 123 13.68 -7.07 -16.05
CA ASN A 123 12.42 -6.87 -16.73
C ASN A 123 11.97 -5.37 -16.73
N HIS A 124 10.96 -5.03 -17.53
CA HIS A 124 10.44 -3.62 -17.62
C HIS A 124 10.14 -2.93 -16.31
N HIS A 125 9.42 -3.63 -15.42
CA HIS A 125 9.11 -3.04 -14.12
C HIS A 125 10.38 -2.78 -13.33
N GLN A 126 11.31 -3.74 -13.37
CA GLN A 126 12.53 -3.58 -12.57
C GLN A 126 13.41 -2.38 -13.02
N ARG A 127 13.51 -2.14 -14.33
CA ARG A 127 14.28 -0.97 -14.80
C ARG A 127 13.57 0.30 -14.36
N ILE A 128 12.26 0.35 -14.46
CA ILE A 128 11.59 1.57 -14.02
C ILE A 128 11.84 1.71 -12.50
N GLY A 129 11.65 0.64 -11.72
CA GLY A 129 12.04 0.71 -10.26
C GLY A 129 13.47 1.20 -10.01
N LEU A 130 14.40 0.76 -10.84
CA LEU A 130 15.77 1.19 -10.67
C LEU A 130 15.87 2.63 -11.09
N LYS A 131 15.49 2.92 -12.32
CA LYS A 131 15.45 4.33 -12.76
C LYS A 131 14.94 5.34 -11.70
N TYR A 132 13.92 5.05 -10.90
CA TYR A 132 13.38 6.05 -9.99
C TYR A 132 13.53 5.64 -8.55
N PHE A 133 14.55 4.84 -8.26
CA PHE A 133 14.73 4.26 -6.96
C PHE A 133 14.64 5.33 -5.93
N GLY A 134 15.45 6.37 -6.10
CA GLY A 134 15.41 7.51 -5.18
C GLY A 134 14.03 8.12 -5.10
N ASP A 135 13.43 8.48 -6.24
CA ASP A 135 12.10 9.18 -6.23
C ASP A 135 11.05 8.33 -5.58
N PHE A 136 11.08 7.00 -5.79
CA PHE A 136 10.01 6.18 -5.25
C PHE A 136 10.05 6.09 -3.72
N GLU A 137 11.18 6.42 -3.10
CA GLU A 137 11.17 6.53 -1.64
C GLU A 137 10.89 7.91 -1.07
N LYS A 138 10.67 8.94 -1.89
CA LYS A 138 10.27 10.25 -1.35
C LYS A 138 8.77 10.25 -1.12
N ARG A 139 8.31 11.11 -0.22
CA ARG A 139 6.88 11.23 0.08
C ARG A 139 6.35 12.39 -0.73
N ILE A 140 5.04 12.51 -0.83
CA ILE A 140 4.49 13.53 -1.73
C ILE A 140 3.75 14.52 -0.86
N PRO A 141 4.27 15.75 -0.73
CA PRO A 141 3.50 16.69 0.09
C PRO A 141 2.07 16.91 -0.49
N ARG A 142 1.13 17.23 0.39
CA ARG A 142 -0.27 17.43 0.01
C ARG A 142 -0.46 18.48 -1.12
N GLU A 143 0.31 19.55 -1.05
CA GLU A 143 0.23 20.62 -2.02
C GLU A 143 0.50 20.06 -3.43
N GLU A 144 1.55 19.26 -3.57
CA GLU A 144 1.78 18.58 -4.82
C GLU A 144 0.65 17.63 -5.18
N MET A 145 0.16 16.91 -4.20
CA MET A 145 -0.90 15.97 -4.43
C MET A 145 -2.10 16.72 -5.00
N LEU A 146 -2.48 17.84 -4.39
CA LEU A 146 -3.55 18.68 -4.94
C LEU A 146 -3.27 19.11 -6.39
N GLN A 147 -2.01 19.37 -6.75
CA GLN A 147 -1.82 19.81 -8.15
C GLN A 147 -1.96 18.62 -9.04
N MET A 148 -1.67 17.46 -8.48
CA MET A 148 -1.68 16.21 -9.24
C MET A 148 -3.13 15.85 -9.51
N GLN A 149 -3.95 16.03 -8.47
CA GLN A 149 -5.40 15.84 -8.54
C GLN A 149 -6.05 16.83 -9.53
N ASP A 150 -5.69 18.10 -9.48
CA ASP A 150 -6.11 19.06 -10.55
C ASP A 150 -6.00 18.46 -11.94
N ILE A 151 -4.77 18.03 -12.28
CA ILE A 151 -4.50 17.48 -13.61
C ILE A 151 -5.34 16.26 -13.87
N VAL A 152 -5.53 15.42 -12.85
CA VAL A 152 -6.21 14.19 -13.13
C VAL A 152 -7.71 14.42 -13.44
N LEU A 153 -8.38 15.18 -12.57
CA LEU A 153 -9.79 15.51 -12.75
C LEU A 153 -10.02 16.26 -14.06
N ASN A 154 -9.19 17.28 -14.33
CA ASN A 154 -9.32 18.02 -15.57
C ASN A 154 -9.26 17.05 -16.74
N GLU A 155 -8.18 16.27 -16.83
CA GLU A 155 -7.99 15.40 -18.03
C GLU A 155 -9.04 14.31 -18.19
N VAL A 156 -9.50 13.70 -17.10
CA VAL A 156 -10.53 12.68 -17.16
C VAL A 156 -11.84 13.34 -17.69
N LYS A 157 -12.32 14.38 -17.02
CA LYS A 157 -13.52 15.11 -17.42
C LYS A 157 -13.40 15.49 -18.90
N LYS A 158 -12.21 15.97 -19.33
CA LYS A 158 -11.93 16.22 -20.75
C LYS A 158 -12.15 15.00 -21.66
N VAL A 159 -11.71 13.80 -21.26
CA VAL A 159 -11.94 12.63 -22.14
C VAL A 159 -13.40 12.31 -22.26
N ASP A 160 -14.13 12.37 -21.16
CA ASP A 160 -15.57 12.15 -21.24
C ASP A 160 -16.16 12.69 -19.93
N SER A 161 -17.00 13.72 -20.07
CA SER A 161 -17.62 14.39 -18.93
C SER A 161 -18.50 13.50 -18.03
N GLU A 162 -18.86 12.31 -18.50
CA GLU A 162 -19.56 11.39 -17.65
C GLU A 162 -18.70 10.46 -16.78
N TYR A 163 -17.38 10.45 -16.92
CA TYR A 163 -16.50 9.73 -15.94
C TYR A 163 -16.72 10.27 -14.52
N ILE A 164 -16.58 9.41 -13.51
CA ILE A 164 -16.47 9.83 -12.13
C ILE A 164 -15.12 9.33 -11.64
N ALA A 165 -14.35 10.23 -11.03
CA ALA A 165 -12.99 9.92 -10.58
C ALA A 165 -12.84 10.36 -9.16
N THR A 166 -12.18 9.58 -8.33
CA THR A 166 -11.98 9.96 -6.92
C THR A 166 -10.59 9.56 -6.57
N VAL A 167 -9.83 10.53 -6.06
CA VAL A 167 -8.52 10.24 -5.56
C VAL A 167 -8.66 9.80 -4.12
N CYS A 168 -8.20 8.58 -3.86
CA CYS A 168 -8.41 7.95 -2.54
C CYS A 168 -7.15 7.97 -1.70
N GLY A 169 -6.92 6.92 -0.91
CA GLY A 169 -5.67 6.77 -0.14
C GLY A 169 -5.59 7.83 0.93
N SER A 170 -4.41 8.01 1.53
CA SER A 170 -4.30 8.89 2.70
C SER A 170 -4.66 10.31 2.29
N PHE A 171 -4.34 10.70 1.05
CA PHE A 171 -4.80 11.99 0.50
C PHE A 171 -6.28 12.27 0.76
N ARG A 172 -7.15 11.30 0.51
CA ARG A 172 -8.58 11.51 0.72
C ARG A 172 -8.88 11.78 2.20
N ARG A 173 -8.00 11.32 3.10
CA ARG A 173 -8.24 11.43 4.55
C ARG A 173 -7.67 12.73 5.04
N GLY A 174 -7.07 13.50 4.14
CA GLY A 174 -6.61 14.85 4.47
C GLY A 174 -5.17 14.82 4.96
N ALA A 175 -4.55 13.65 4.90
CA ALA A 175 -3.16 13.49 5.30
C ALA A 175 -2.30 14.55 4.67
N GLU A 176 -1.29 14.94 5.43
CA GLU A 176 -0.36 15.95 5.08
C GLU A 176 0.64 15.58 4.01
N SER A 177 0.81 14.28 3.77
CA SER A 177 1.62 13.82 2.66
C SER A 177 1.15 12.42 2.31
N SER A 178 1.64 11.86 1.22
CA SER A 178 1.19 10.58 0.68
C SER A 178 2.34 9.87 0.07
N GLY A 179 2.22 8.57 -0.07
CA GLY A 179 3.27 7.76 -0.71
C GLY A 179 3.12 7.61 -2.21
N ASP A 180 1.91 7.79 -2.72
CA ASP A 180 1.62 7.51 -4.15
C ASP A 180 0.24 8.14 -4.41
N MET A 181 -0.34 7.96 -5.59
CA MET A 181 -1.72 8.49 -5.85
C MET A 181 -2.54 7.37 -6.39
N ASP A 182 -3.72 7.19 -5.81
CA ASP A 182 -4.58 6.05 -6.14
C ASP A 182 -5.87 6.63 -6.71
N VAL A 183 -6.14 6.43 -8.00
CA VAL A 183 -7.33 7.08 -8.59
C VAL A 183 -8.32 6.03 -8.97
N LEU A 184 -9.56 6.16 -8.50
CA LEU A 184 -10.61 5.24 -8.84
C LEU A 184 -11.60 5.90 -9.82
N LEU A 185 -11.91 5.12 -10.83
CA LEU A 185 -12.55 5.60 -12.03
C LEU A 185 -13.73 4.71 -12.23
N THR A 186 -14.88 5.34 -12.47
CA THR A 186 -16.00 4.60 -13.05
C THR A 186 -16.75 5.46 -14.10
N HIS A 187 -17.72 4.84 -14.76
CA HIS A 187 -18.42 5.41 -15.90
C HIS A 187 -19.82 4.76 -15.98
N PRO A 188 -20.89 5.55 -16.30
CA PRO A 188 -22.22 4.91 -16.31
C PRO A 188 -22.34 3.72 -17.29
N SER A 189 -21.49 3.62 -18.32
CA SER A 189 -21.57 2.47 -19.24
C SER A 189 -20.97 1.19 -18.66
N PHE A 190 -20.29 1.31 -17.53
CA PHE A 190 -19.59 0.17 -16.92
C PHE A 190 -20.25 -0.34 -15.60
N THR A 191 -20.88 -1.49 -15.71
CA THR A 191 -21.34 -2.31 -14.60
C THR A 191 -20.85 -3.76 -14.73
N SER A 192 -20.93 -4.53 -13.66
CA SER A 192 -20.61 -5.98 -13.63
C SER A 192 -20.18 -6.70 -14.94
N GLU A 193 -21.05 -7.54 -15.48
CA GLU A 193 -20.82 -8.00 -16.85
C GLU A 193 -21.40 -6.96 -17.79
N SER A 194 -20.54 -6.37 -18.62
CA SER A 194 -20.83 -5.16 -19.38
C SER A 194 -19.83 -5.03 -20.51
N GLN A 197 -16.73 -0.38 -22.45
CA GLN A 197 -15.62 -0.71 -23.32
C GLN A 197 -14.29 -1.03 -22.59
N PRO A 198 -13.37 -1.70 -23.29
CA PRO A 198 -12.12 -2.10 -22.70
C PRO A 198 -11.14 -1.07 -23.15
N LYS A 199 -11.69 0.11 -23.44
CA LYS A 199 -10.90 1.25 -23.71
C LYS A 199 -11.24 2.37 -22.77
N LEU A 200 -12.15 2.14 -21.87
CA LEU A 200 -12.52 3.22 -20.92
C LEU A 200 -11.33 3.54 -20.06
N LEU A 201 -10.52 2.55 -19.71
CA LEU A 201 -9.29 2.84 -18.95
C LEU A 201 -8.22 3.40 -19.92
N HIS A 202 -8.07 2.79 -21.09
CA HIS A 202 -6.99 3.12 -21.98
C HIS A 202 -7.06 4.55 -22.42
N GLN A 203 -8.29 5.01 -22.69
CA GLN A 203 -8.49 6.40 -23.13
C GLN A 203 -8.00 7.37 -22.08
N VAL A 204 -8.23 7.06 -20.81
CA VAL A 204 -7.74 7.97 -19.77
C VAL A 204 -6.20 8.01 -19.69
N VAL A 205 -5.55 6.84 -19.66
CA VAL A 205 -4.09 6.74 -19.58
C VAL A 205 -3.47 7.50 -20.71
N GLU A 206 -3.95 7.20 -21.91
CA GLU A 206 -3.65 7.97 -23.12
C GLU A 206 -3.67 9.50 -23.01
N GLN A 207 -4.76 10.07 -22.49
CA GLN A 207 -4.84 11.51 -22.42
C GLN A 207 -3.83 12.02 -21.43
N LEU A 208 -3.45 11.19 -20.45
CA LEU A 208 -2.59 11.74 -19.40
C LEU A 208 -1.14 11.61 -19.86
N GLN A 209 -0.91 10.71 -20.81
CA GLN A 209 0.40 10.62 -21.42
C GLN A 209 0.54 11.72 -22.46
N LYS A 210 -0.60 12.09 -23.04
CA LYS A 210 -0.63 13.07 -24.08
C LYS A 210 -0.19 14.41 -23.51
N VAL A 211 -0.62 14.71 -22.29
CA VAL A 211 -0.23 15.97 -21.65
C VAL A 211 1.01 15.81 -20.78
N HIS A 212 1.70 14.70 -20.97
CA HIS A 212 3.02 14.41 -20.31
C HIS A 212 2.88 14.38 -18.84
N PHE A 213 1.76 13.88 -18.33
CA PHE A 213 1.61 13.76 -16.91
C PHE A 213 2.06 12.38 -16.50
N ILE A 214 1.66 11.37 -17.27
CA ILE A 214 2.11 10.00 -17.04
C ILE A 214 3.34 9.76 -17.88
N THR A 215 4.45 9.31 -17.25
CA THR A 215 5.75 9.20 -17.94
C THR A 215 6.20 7.78 -18.25
N ASP A 216 5.63 6.78 -17.55
CA ASP A 216 6.09 5.38 -17.64
C ASP A 216 4.94 4.43 -17.20
N THR A 217 4.98 3.20 -17.66
CA THR A 217 3.94 2.21 -17.35
C THR A 217 4.56 0.97 -16.75
N LEU A 218 4.06 0.54 -15.59
CA LEU A 218 4.56 -0.69 -14.93
C LEU A 218 3.63 -1.82 -15.33
N SER A 219 2.32 -1.57 -15.27
CA SER A 219 1.39 -2.47 -15.84
C SER A 219 0.13 -1.67 -16.24
N LYS A 220 -0.63 -2.24 -17.16
CA LYS A 220 -1.88 -1.73 -17.72
C LYS A 220 -2.66 -2.89 -18.32
N GLY A 221 -3.91 -3.07 -17.89
CA GLY A 221 -4.87 -3.96 -18.56
C GLY A 221 -6.17 -3.15 -18.75
N GLU A 222 -7.32 -3.84 -18.86
CA GLU A 222 -8.63 -3.18 -18.97
C GLU A 222 -9.20 -2.64 -17.67
N THR A 223 -8.71 -3.10 -16.52
CA THR A 223 -9.21 -2.49 -15.29
C THR A 223 -8.14 -1.81 -14.42
N LYS A 224 -6.89 -2.20 -14.50
CA LYS A 224 -5.97 -1.58 -13.60
C LYS A 224 -4.71 -1.04 -14.29
N PHE A 225 -4.36 0.18 -13.93
CA PHE A 225 -3.15 0.73 -14.46
C PHE A 225 -2.19 1.03 -13.32
N MET A 226 -0.90 0.71 -13.49
CA MET A 226 0.14 1.12 -12.51
C MET A 226 1.30 1.79 -13.22
N GLY A 227 1.61 3.03 -12.87
CA GLY A 227 2.69 3.69 -13.57
C GLY A 227 3.30 4.79 -12.79
N VAL A 228 3.87 5.72 -13.53
CA VAL A 228 4.65 6.81 -12.94
C VAL A 228 4.17 8.16 -13.52
N CYS A 229 4.10 9.18 -12.68
CA CYS A 229 3.75 10.46 -13.21
C CYS A 229 4.63 11.51 -12.61
N GLN A 230 4.64 12.68 -13.23
CA GLN A 230 5.47 13.80 -12.73
C GLN A 230 4.76 15.07 -13.12
N LEU A 231 4.66 15.98 -12.16
CA LEU A 231 4.20 17.33 -12.37
C LEU A 231 5.13 18.11 -13.33
N PRO A 232 4.60 19.08 -14.09
CA PRO A 232 5.49 19.79 -15.01
C PRO A 232 6.35 20.81 -14.24
N SER A 233 7.55 21.07 -14.72
CA SER A 233 8.48 21.89 -13.95
C SER A 233 8.09 23.36 -14.06
N ASP A 236 11.94 28.10 -14.83
CA ASP A 236 13.34 27.69 -14.63
C ASP A 236 13.58 27.27 -13.19
N GLU A 237 12.65 26.49 -12.62
CA GLU A 237 12.81 25.95 -11.28
C GLU A 237 13.01 24.43 -11.32
N LYS A 238 13.45 23.90 -10.18
CA LYS A 238 13.87 22.52 -9.96
C LYS A 238 12.76 21.48 -10.28
N GLU A 239 13.04 20.48 -11.13
CA GLU A 239 12.03 19.47 -11.48
C GLU A 239 11.44 18.67 -10.26
N TYR A 240 10.18 18.22 -10.37
CA TYR A 240 9.50 17.49 -9.27
C TYR A 240 9.95 16.06 -9.31
N PRO A 241 9.95 15.37 -8.18
CA PRO A 241 10.28 13.95 -8.33
C PRO A 241 9.18 13.20 -9.15
N HIS A 242 9.58 12.13 -9.82
CA HIS A 242 8.65 11.17 -10.38
C HIS A 242 7.91 10.38 -9.31
N ARG A 243 6.60 10.19 -9.51
CA ARG A 243 5.68 9.60 -8.51
C ARG A 243 4.93 8.34 -8.97
N ARG A 244 4.59 7.47 -8.02
CA ARG A 244 3.74 6.33 -8.32
C ARG A 244 2.28 6.75 -8.44
N ILE A 245 1.63 6.35 -9.55
CA ILE A 245 0.19 6.52 -9.65
C ILE A 245 -0.48 5.23 -10.08
N ASP A 246 -1.60 4.92 -9.44
CA ASP A 246 -2.37 3.77 -9.90
C ASP A 246 -3.68 4.31 -10.37
N ILE A 247 -4.25 3.68 -11.40
CA ILE A 247 -5.58 4.12 -11.84
C ILE A 247 -6.44 2.90 -11.98
N ARG A 248 -7.59 2.87 -11.27
CA ARG A 248 -8.50 1.70 -11.35
C ARG A 248 -9.86 2.04 -11.97
N LEU A 249 -10.28 1.16 -12.88
CA LEU A 249 -11.60 1.22 -13.51
C LEU A 249 -12.47 0.15 -12.84
N ILE A 250 -13.49 0.58 -12.08
CA ILE A 250 -14.34 -0.30 -11.25
C ILE A 250 -15.76 -0.12 -11.75
N PRO A 251 -16.58 -1.20 -11.80
CA PRO A 251 -17.96 -1.04 -12.28
C PRO A 251 -18.79 -0.16 -11.35
N LYS A 252 -19.76 0.56 -11.93
CA LYS A 252 -20.64 1.49 -11.23
C LYS A 252 -21.21 1.00 -9.88
N ASP A 253 -21.78 -0.19 -9.88
CA ASP A 253 -22.30 -0.84 -8.66
C ASP A 253 -21.22 -1.42 -7.71
N GLN A 254 -19.93 -1.29 -8.01
CA GLN A 254 -18.90 -1.68 -7.03
C GLN A 254 -18.09 -0.49 -6.63
N TYR A 255 -18.49 0.67 -7.15
CA TYR A 255 -17.58 1.79 -7.09
C TYR A 255 -17.39 2.30 -5.68
N TYR A 256 -18.48 2.35 -4.90
CA TYR A 256 -18.41 2.91 -3.58
C TYR A 256 -17.80 1.97 -2.55
N CYS A 257 -18.00 0.68 -2.72
CA CYS A 257 -17.17 -0.27 -1.94
C CYS A 257 -15.69 -0.05 -2.19
N GLY A 258 -15.36 0.09 -3.49
CA GLY A 258 -13.99 0.39 -3.91
C GLY A 258 -13.49 1.67 -3.27
N VAL A 259 -14.29 2.73 -3.35
CA VAL A 259 -13.84 4.01 -2.79
C VAL A 259 -13.55 3.95 -1.28
N LEU A 260 -14.40 3.24 -0.54
CA LEU A 260 -14.29 3.10 0.91
C LEU A 260 -12.98 2.35 1.24
N TYR A 261 -12.76 1.21 0.57
CA TYR A 261 -11.63 0.35 0.87
C TYR A 261 -10.34 1.09 0.59
N PHE A 262 -10.24 1.66 -0.61
CA PHE A 262 -9.02 2.37 -1.00
C PHE A 262 -8.84 3.76 -0.42
N THR A 263 -9.74 4.17 0.46
CA THR A 263 -9.54 5.37 1.26
C THR A 263 -8.80 4.97 2.58
N GLY A 264 -8.95 3.70 3.01
CA GLY A 264 -8.34 3.24 4.27
C GLY A 264 -8.81 4.05 5.46
N SER A 265 -7.99 4.12 6.53
CA SER A 265 -6.67 3.47 6.59
C SER A 265 -6.83 1.98 6.66
N ASP A 266 -5.70 1.27 6.52
CA ASP A 266 -5.59 -0.19 6.84
C ASP A 266 -6.51 -0.59 7.98
N ILE A 267 -6.24 0.03 9.13
CA ILE A 267 -6.81 -0.31 10.44
C ILE A 267 -8.29 0.01 10.48
N PHE A 268 -8.65 1.19 9.96
CA PHE A 268 -10.05 1.53 9.78
C PHE A 268 -10.81 0.44 9.04
N ASN A 269 -10.27 -0.01 7.91
CA ASN A 269 -10.93 -1.09 7.19
C ASN A 269 -10.96 -2.40 8.00
N LYS A 270 -9.84 -2.74 8.66
CA LYS A 270 -9.82 -3.81 9.67
C LYS A 270 -11.05 -3.68 10.59
N ASN A 271 -11.07 -2.63 11.42
CA ASN A 271 -12.16 -2.35 12.40
C ASN A 271 -13.56 -2.37 11.82
N MET A 272 -13.77 -1.60 10.74
CA MET A 272 -15.06 -1.55 10.01
C MET A 272 -15.50 -2.91 9.47
N ARG A 273 -14.59 -3.64 8.85
CA ARG A 273 -14.93 -4.98 8.38
C ARG A 273 -15.32 -5.90 9.56
N ALA A 274 -14.65 -5.70 10.69
CA ALA A 274 -14.88 -6.48 11.92
C ALA A 274 -16.23 -6.17 12.58
N HIS A 275 -16.45 -4.89 12.89
CA HIS A 275 -17.76 -4.38 13.32
C HIS A 275 -18.86 -4.82 12.39
N ALA A 276 -18.59 -4.73 11.09
CA ALA A 276 -19.50 -5.23 10.07
C ALA A 276 -19.80 -6.71 10.31
N LEU A 277 -18.82 -7.51 10.72
CA LEU A 277 -19.03 -8.93 10.79
C LEU A 277 -20.00 -9.32 11.87
N GLU A 278 -19.92 -8.61 12.99
CA GLU A 278 -20.77 -8.85 14.10
C GLU A 278 -22.18 -8.36 13.94
N LYS A 279 -22.45 -7.58 12.91
CA LYS A 279 -23.80 -7.19 12.62
C LYS A 279 -24.33 -8.03 11.51
N GLY A 280 -23.63 -9.12 11.25
CA GLY A 280 -24.01 -10.12 10.24
C GLY A 280 -23.90 -9.68 8.78
N PHE A 281 -22.85 -8.89 8.52
CA PHE A 281 -22.50 -8.40 7.16
C PHE A 281 -21.00 -8.61 6.87
N THR A 282 -20.68 -8.90 5.61
CA THR A 282 -19.30 -9.05 5.15
C THR A 282 -19.03 -8.08 4.00
N ILE A 283 -18.02 -7.26 4.21
CA ILE A 283 -17.63 -6.23 3.26
C ILE A 283 -16.26 -6.62 2.71
N ASN A 284 -16.21 -6.83 1.39
CA ASN A 284 -14.92 -6.92 0.68
C ASN A 284 -14.69 -5.63 -0.15
N GLU A 285 -13.76 -5.67 -1.11
CA GLU A 285 -13.43 -4.45 -1.84
C GLU A 285 -14.53 -4.11 -2.84
N TYR A 286 -15.26 -5.12 -3.26
CA TYR A 286 -16.25 -5.06 -4.29
C TYR A 286 -17.65 -4.83 -3.75
N THR A 287 -18.04 -5.63 -2.76
CA THR A 287 -19.45 -5.76 -2.36
C THR A 287 -19.62 -5.74 -0.85
N ILE A 288 -20.85 -5.47 -0.42
CA ILE A 288 -21.26 -5.80 0.95
C ILE A 288 -22.38 -6.81 0.80
N ARG A 289 -22.24 -7.90 1.56
CA ARG A 289 -23.06 -9.07 1.42
C ARG A 289 -23.55 -9.50 2.82
N PRO A 290 -24.83 -9.91 2.93
CA PRO A 290 -25.44 -10.30 4.21
C PRO A 290 -25.26 -11.79 4.52
N LEU A 291 -24.56 -12.10 5.61
CA LEU A 291 -24.34 -13.51 6.05
C LEU A 291 -25.63 -14.20 6.58
N GLY A 292 -26.17 -15.17 5.81
CA GLY A 292 -27.44 -15.87 6.08
C GLY A 292 -27.47 -16.79 7.29
N VAL A 293 -28.55 -17.55 7.46
CA VAL A 293 -28.82 -18.21 8.77
C VAL A 293 -27.64 -19.03 9.35
N THR A 294 -26.75 -19.49 8.47
CA THR A 294 -25.64 -20.41 8.82
C THR A 294 -24.22 -19.98 8.36
N GLY A 295 -24.07 -18.76 7.86
CA GLY A 295 -22.76 -18.27 7.44
C GLY A 295 -22.65 -18.14 5.94
N VAL A 296 -23.79 -18.32 5.25
CA VAL A 296 -23.88 -18.23 3.78
C VAL A 296 -23.92 -16.75 3.36
N ALA A 297 -22.91 -16.27 2.63
CA ALA A 297 -23.03 -14.94 1.99
C ALA A 297 -24.12 -14.94 0.90
N GLY A 298 -25.07 -14.01 1.00
CA GLY A 298 -26.15 -13.90 -0.02
C GLY A 298 -25.75 -12.92 -1.11
N GLU A 299 -26.72 -12.28 -1.75
CA GLU A 299 -26.45 -11.30 -2.83
C GLU A 299 -25.76 -10.04 -2.35
N PRO A 300 -24.83 -9.51 -3.18
CA PRO A 300 -24.36 -8.12 -3.02
C PRO A 300 -25.54 -7.16 -2.88
N LEU A 301 -25.48 -6.27 -1.88
CA LEU A 301 -26.56 -5.31 -1.66
C LEU A 301 -26.33 -4.03 -2.49
N PRO A 302 -27.39 -3.47 -3.12
CA PRO A 302 -27.35 -2.14 -3.76
C PRO A 302 -26.61 -1.07 -2.95
N VAL A 303 -25.73 -0.29 -3.59
CA VAL A 303 -24.90 0.76 -2.91
C VAL A 303 -24.74 1.98 -3.87
N ASP A 304 -25.05 3.19 -3.42
CA ASP A 304 -25.00 4.37 -4.29
C ASP A 304 -24.15 5.49 -3.73
N SER A 305 -23.66 5.29 -2.51
CA SER A 305 -22.71 6.19 -1.86
C SER A 305 -21.91 5.38 -0.85
N GLU A 306 -20.90 6.01 -0.28
CA GLU A 306 -20.22 5.42 0.85
C GLU A 306 -21.25 5.24 1.99
N LYS A 307 -21.98 6.30 2.32
CA LYS A 307 -23.01 6.27 3.38
C LYS A 307 -23.87 4.96 3.38
N ASP A 308 -24.38 4.53 2.21
CA ASP A 308 -25.18 3.30 2.07
C ASP A 308 -24.64 2.10 2.84
N ILE A 309 -23.34 1.88 2.67
CA ILE A 309 -22.62 0.84 3.38
C ILE A 309 -22.66 1.09 4.88
N PHE A 310 -22.30 2.31 5.30
CA PHE A 310 -22.31 2.72 6.70
C PHE A 310 -23.70 2.53 7.37
N ASP A 311 -24.75 2.68 6.58
CA ASP A 311 -26.11 2.48 7.06
C ASP A 311 -26.27 1.01 7.35
N TYR A 312 -26.29 0.18 6.30
CA TYR A 312 -26.44 -1.27 6.44
C TYR A 312 -25.92 -1.86 7.75
N ILE A 313 -24.73 -1.45 8.15
CA ILE A 313 -24.11 -2.02 9.35
C ILE A 313 -24.35 -1.17 10.63
N GLN A 314 -25.40 -0.35 10.58
CA GLN A 314 -25.71 0.63 11.62
C GLN A 314 -24.47 1.31 12.21
N TRP A 315 -23.62 1.86 11.36
CA TRP A 315 -22.51 2.66 11.86
C TRP A 315 -22.75 4.11 11.49
N LYS A 316 -22.11 5.02 12.22
CA LYS A 316 -22.27 6.46 11.97
C LYS A 316 -21.36 6.84 10.79
N TYR A 317 -21.91 7.41 9.71
CA TYR A 317 -21.07 7.78 8.54
C TYR A 317 -19.83 8.47 9.07
N ARG A 318 -18.65 8.03 8.65
CA ARG A 318 -17.42 8.68 9.10
C ARG A 318 -16.85 9.49 7.95
N GLU A 319 -16.51 10.75 8.23
CA GLU A 319 -15.70 11.58 7.36
C GLU A 319 -14.39 10.86 7.03
N PRO A 320 -13.89 10.99 5.78
CA PRO A 320 -12.58 10.35 5.48
C PRO A 320 -11.47 10.77 6.46
N LYS A 321 -11.51 12.03 6.91
CA LYS A 321 -10.54 12.59 7.84
C LYS A 321 -10.49 11.92 9.23
N ASP A 322 -11.55 11.22 9.64
CA ASP A 322 -11.50 10.45 10.90
C ASP A 322 -11.48 8.95 10.61
N ARG A 323 -10.58 8.50 9.74
CA ARG A 323 -10.55 7.07 9.40
C ARG A 323 -9.14 6.49 9.62
N SER A 324 -8.41 7.02 10.60
CA SER A 324 -7.17 6.34 11.03
C SER A 324 -7.48 4.95 11.58
N GLU A 325 -8.62 4.82 12.24
CA GLU A 325 -9.10 3.53 12.73
C GLU A 325 -10.60 3.61 12.97
P 6OG B 6 -3.61 -12.81 6.26
OP1 6OG B 6 -2.81 -13.26 5.05
OP2 6OG B 6 -3.20 -11.57 7.01
O5' 6OG B 6 -5.14 -12.52 5.90
N9 6OG B 6 -4.42 -10.96 2.20
C4 6OG B 6 -4.41 -9.75 1.69
N3 6OG B 6 -5.40 -9.05 1.12
C2 6OG B 6 -5.17 -7.83 0.64
N2 6OG B 6 -6.25 -7.22 0.09
N1 6OG B 6 -3.93 -7.22 0.70
C6 6OG B 6 -2.84 -7.84 1.25
O6 6OG B 6 -1.63 -7.17 1.26
C5 6OG B 6 -3.04 -9.22 1.80
N7 6OG B 6 -2.30 -10.19 2.43
C8 6OG B 6 -3.15 -11.24 2.67
C2' 6OG B 6 -5.72 -13.21 1.99
C5' 6OG B 6 -5.94 -13.48 5.25
C4' 6OG B 6 -6.75 -12.82 4.14
O4' 6OG B 6 -6.23 -11.57 3.62
C1' 6OG B 6 -5.72 -11.73 2.28
C3' 6OG B 6 -6.68 -13.82 3.02
O3' 6OG B 6 -8.03 -13.99 2.61
C 6OG B 6 -0.56 -7.45 2.18
NA NA E . 10.92 -4.51 -4.35
MG MG F . -19.98 15.12 -22.50
NA NA G . 0.61 -11.54 23.78
P PO4 H . -0.41 6.46 1.34
O1 PO4 H . -1.87 6.42 0.87
O2 PO4 H . 0.43 5.74 0.28
O3 PO4 H . 0.03 7.89 1.52
O4 PO4 H . -0.19 5.85 2.73
MG MG I . -1.04 2.41 -3.89
#